data_1ZVO
#
_entry.id   1ZVO
#
_cell.length_a   1.0
_cell.length_b   1.0
_cell.length_c   1.0
_cell.angle_alpha   90.0
_cell.angle_beta   90.0
_cell.angle_gamma   90.0
#
_symmetry.space_group_name_H-M   'P 1'
#
loop_
_entity.id
_entity.type
_entity.pdbx_description
1 polymer 'myeloma immunoglobulin D lambda'
2 polymer 'Immunoglobulin delta heavy chain'
#
loop_
_entity_poly.entity_id
_entity_poly.type
_entity_poly.pdbx_seq_one_letter_code
_entity_poly.pdbx_strand_id
1 'polypeptide(L)'
;QSVLTQPPSASGTPGQRVTISCFGSSSNIGRYYVYWYQQLPGTTPKLLIYKDNQRPSGVPDRFSGSKSGTSASLAISGLR
SEDEADYYCAAWDDSLWVFGGGTTLTVLSQPKAAPSVTLFPPSSEELQANKATLVCLISDFYPGAVTVAWKADSSPVKAG
VETTTPSKQSNNKYAASSYLSLTPEQWKSHRSYSCQVTHEGSTVEKTVAPTECS
;
A,B
2 'polypeptide(L)'
;RLQLQESGPGLVKPSETLSLTCIVSGGPIRRTGYYWGWIRQPPGKGLEWIGGVYYTGSIYYNPSLRGRVTISVDTSRNQF
SLNLRSMSAADTAMYYCARGNPPPYYDIGTGSDDGIDVWGQGTTVHVSSAPTKAPDVFPIISGCRHPKDNSPVVLACLIT
GYHPTSVTVTWYMGTQSQPQRTFPEIQRRDSYYMTSSQLSTPLQQWRQGEYKCVVQHTASKSKKEIFRWPESPKAQASSV
PTAQPQAEGSLAKATTAPATTRNTGRGGEEKKKEKEKEEQEERETKTPECPSHTQPLGVYLLTPAVQDLWLRDKATFTCF
VVGSDLKDAHLTWEVAGKVPTGGVEEGLLERHSNGSQSQHSRLTLPRSLWNAGTSVTCTLNHPSLPPQRLMALREPAAQA
PVKLSLNLLASSDPPEAASWLLCEVSGFSPPNILLMWLEDQREVNTSGFAPARPPPQPGSTTFWAWSVLRVPAPPSPQPA
TYTCVVSHEDSRTLLNASRSLEVSYVTDHGPM
;
C,D
#
# COMPACT_ATOMS: atom_id res chain seq x y z
CA GLN A 1 25.70 97.56 17.14
CA SER A 2 28.77 98.84 19.14
CA VAL A 3 29.15 102.67 19.89
CA LEU A 4 27.99 103.13 16.19
CA THR A 5 24.66 101.31 15.53
CA GLN A 6 24.10 99.51 12.19
CA PRO A 7 21.05 97.22 11.10
CA PRO A 8 22.18 93.53 12.18
CA SER A 9 21.08 92.23 8.71
CA ALA A 10 20.33 94.03 5.40
CA SER A 11 19.00 92.06 2.35
CA GLY A 12 18.41 92.71 -1.43
CA THR A 13 17.64 91.00 -4.78
CA PRO A 14 20.42 91.06 -7.58
CA GLY A 15 20.40 94.36 -9.64
CA GLN A 16 18.61 96.27 -6.72
CA ARG A 17 19.92 99.17 -4.60
CA VAL A 18 20.48 98.36 -0.84
CA THR A 19 21.29 100.95 1.92
CA ILE A 20 23.24 100.24 5.17
CA SER A 21 22.81 103.01 7.89
CA CYS A 22 25.46 103.85 10.58
CA PHE A 23 24.00 106.05 13.43
CA GLY A 24 26.30 107.58 16.14
CA SER A 25 26.22 110.90 18.13
CA SER A 26 27.46 114.59 18.16
CA SER A 27 30.71 113.15 19.84
CA ASN A 28 31.72 111.07 16.66
CA ILE A 29 29.78 111.27 13.20
CA GLY A 30 28.39 114.85 13.90
CA ARG A 31 32.10 115.85 14.47
CA TYR A 32 34.17 113.54 12.05
CA TYR A 33 34.46 111.35 8.90
CA VAL A 34 32.93 107.83 8.42
CA TYR A 35 34.87 104.96 6.73
CA TRP A 36 33.55 101.53 5.66
CA TYR A 37 35.09 98.00 5.65
CA GLN A 38 33.93 94.91 3.76
CA GLN A 39 34.85 91.64 5.57
CA LEU A 40 34.38 88.47 3.43
CA PRO A 41 34.12 84.94 5.23
CA GLY A 42 37.50 83.88 6.81
CA THR A 43 39.33 87.12 5.69
CA THR A 44 40.56 90.33 7.36
CA PRO A 45 38.29 93.50 6.71
CA LYS A 46 39.23 95.59 3.61
CA LEU A 47 38.96 99.45 3.37
CA LEU A 48 36.22 100.55 0.88
CA ILE A 49 37.35 103.22 -1.64
CA TYR A 50 34.48 105.37 -3.17
CA LYS A 51 36.55 107.00 -5.99
CA ASP A 52 36.37 104.77 -9.15
CA ASN A 53 34.61 102.06 -7.06
CA GLN A 54 33.45 99.51 -9.77
CA ARG A 55 32.08 100.68 -13.23
CA PRO A 56 34.58 102.81 -15.31
CA SER A 57 31.55 104.66 -16.55
CA GLY A 58 30.70 106.70 -13.42
CA VAL A 59 33.17 106.80 -10.48
CA PRO A 60 30.35 106.49 -7.77
CA ASP A 61 28.29 103.94 -9.79
CA ARG A 62 28.25 100.86 -7.44
CA PHE A 63 29.20 101.98 -3.87
CA SER A 64 28.51 105.54 -2.62
CA GLY A 65 28.50 107.08 0.93
CA SER A 66 25.98 109.69 2.22
CA LYS A 67 26.00 111.47 5.68
CA SER A 68 23.31 113.70 7.38
CA GLY A 69 24.39 115.07 10.87
CA THR A 70 24.56 112.00 13.20
CA SER A 71 23.88 109.15 10.58
CA ALA A 72 25.90 107.90 7.61
CA SER A 73 24.71 105.43 4.91
CA LEU A 74 26.57 103.05 2.52
CA ALA A 75 24.55 102.66 -0.75
CA ILE A 76 25.23 99.63 -3.07
CA SER A 77 23.65 99.89 -6.63
CA GLY A 78 23.43 96.84 -9.05
CA LEU A 79 23.67 94.28 -6.17
CA ARG A 80 25.67 91.06 -7.08
CA SER A 81 26.16 87.71 -5.14
CA GLU A 82 29.93 88.75 -4.57
CA ASP A 83 28.65 91.65 -2.25
CA GLU A 84 27.58 89.10 0.52
CA ALA A 85 29.84 90.18 3.40
CA ASP A 86 29.87 91.84 6.84
CA TYR A 87 30.00 95.72 6.44
CA TYR A 88 31.43 97.83 9.33
CA CYS A 89 31.22 101.62 9.50
CA ALA A 90 33.86 103.33 11.63
CA ALA A 91 34.24 106.96 12.91
CA TRP A 92 36.50 108.94 15.37
CA ASP A 93 35.79 110.42 18.84
CA ASP A 94 39.00 112.55 19.52
CA SER A 95 41.97 110.15 18.61
CA LEU A 96 39.79 107.01 19.50
CA TRP A 97 38.70 104.85 16.52
CA VAL A 98 35.07 103.72 16.92
CA PHE A 99 33.57 100.74 14.97
CA GLY A 100 29.93 99.91 14.30
CA GLY A 101 28.57 96.44 15.17
CA GLY A 102 28.49 95.05 11.58
CA THR A 103 25.80 94.28 8.98
CA THR A 104 25.47 90.88 7.29
CA LEU A 105 24.40 91.69 3.66
CA THR A 106 22.41 88.70 2.19
CA VAL A 107 21.73 88.43 -1.59
CA LEU A 108 18.24 86.93 -2.28
CA SER A 109 16.95 84.75 -5.20
CA GLN A 110 20.40 82.90 -5.33
CA PRO A 111 20.03 79.44 -7.11
CA LYS A 112 19.70 76.37 -4.84
CA ALA A 113 22.83 74.13 -4.97
CA ALA A 114 22.31 70.49 -3.83
CA PRO A 115 25.24 69.24 -1.53
CA SER A 116 28.16 67.11 -2.74
CA VAL A 117 28.40 64.38 0.00
CA THR A 118 31.58 62.32 0.62
CA LEU A 119 31.45 59.49 3.23
CA PHE A 120 34.66 57.83 4.52
CA PRO A 121 34.99 54.59 6.59
CA PRO A 122 37.44 54.66 9.64
CA SER A 123 41.17 54.03 8.83
CA SER A 124 42.72 50.59 9.84
CA GLU A 125 45.23 52.52 12.13
CA GLU A 126 42.17 54.15 14.01
CA LEU A 127 40.80 50.53 14.66
CA GLN A 128 44.23 49.59 16.32
CA ALA A 129 43.56 52.71 18.60
CA ASN A 130 40.18 50.94 19.57
CA LYS A 131 38.17 53.86 17.95
CA ALA A 132 36.15 54.23 14.68
CA THR A 133 35.25 57.62 13.08
CA LEU A 134 32.99 57.77 9.95
CA VAL A 135 33.49 61.17 8.18
CA CYS A 136 30.52 62.63 6.20
CA LEU A 137 31.78 65.78 4.33
CA ILE A 138 29.04 68.13 2.96
CA SER A 139 30.05 70.90 0.45
CA ASP A 140 28.78 73.40 -2.15
CA PHE A 141 25.09 73.68 -0.90
CA TYR A 142 22.79 76.74 -0.86
CA PRO A 143 20.67 77.62 1.24
CA GLY A 144 22.63 77.05 4.56
CA ALA A 145 20.22 74.53 6.34
CA VAL A 146 20.83 70.71 6.11
CA THR A 147 19.54 67.80 8.29
CA VAL A 148 22.20 65.02 8.68
CA ALA A 149 20.96 61.58 9.90
CA TRP A 150 23.07 58.37 10.36
CA LYS A 151 21.66 54.87 9.66
CA ALA A 152 23.26 51.54 10.79
CA ASP A 153 21.63 49.11 8.22
CA SER A 154 18.04 50.55 8.02
CA SER A 155 17.88 51.66 11.78
CA PRO A 156 18.63 55.31 13.09
CA VAL A 157 21.87 56.29 14.92
CA LYS A 158 21.33 59.12 17.50
CA ALA A 159 24.43 58.63 19.83
CA GLY A 160 28.10 59.42 18.90
CA VAL A 161 27.01 62.00 16.18
CA GLU A 162 28.73 65.42 16.10
CA THR A 163 27.63 67.71 13.16
CA THR A 164 28.92 71.30 12.54
CA THR A 165 26.66 74.29 11.96
CA PRO A 166 27.11 75.07 8.12
CA SER A 167 29.76 77.83 7.53
CA LYS A 168 29.79 80.16 4.45
CA GLN A 169 32.75 79.52 2.02
CA SER A 170 34.49 82.12 -0.38
CA ASN A 171 32.02 81.14 -3.14
CA ASN A 172 28.65 81.84 -1.27
CA LYS A 173 27.86 78.10 -0.70
CA TYR A 174 28.07 76.32 2.70
CA ALA A 175 30.26 73.45 4.01
CA ALA A 176 29.31 71.09 6.90
CA SER A 177 30.89 67.91 8.42
CA SER A 178 29.27 65.05 10.44
CA TYR A 179 31.39 62.54 12.47
CA LEU A 180 29.97 59.26 13.85
CA SER A 181 32.13 57.84 16.72
CA LEU A 182 31.63 54.03 17.00
CA THR A 183 33.46 51.19 18.80
CA PRO A 184 35.28 48.73 16.24
CA GLU A 185 32.73 46.02 17.42
CA GLN A 186 29.70 48.30 16.38
CA TRP A 187 31.54 49.12 13.03
CA LYS A 188 32.02 45.32 12.12
CA SER A 189 28.49 44.27 13.51
CA HIS A 190 26.50 45.99 10.62
CA ARG A 191 26.55 45.32 6.79
CA SER A 192 26.53 49.13 6.14
CA TYR A 193 26.51 52.70 7.57
CA SER A 194 24.75 55.57 5.68
CA CYS A 195 25.25 59.35 5.95
CA GLN A 196 21.75 60.62 4.94
CA VAL A 197 21.70 64.40 4.07
CA THR A 198 18.37 66.16 3.37
CA HIS A 199 18.64 69.67 1.82
CA GLU A 200 15.33 71.52 0.84
CA GLY A 201 13.19 68.25 0.95
CA SER A 202 15.71 66.33 -1.36
CA THR A 203 17.92 63.57 0.23
CA VAL A 204 21.47 62.54 -0.86
CA GLU A 205 22.54 59.22 0.85
CA LYS A 206 26.07 57.67 0.74
CA THR A 207 26.79 54.22 2.21
CA VAL A 208 30.00 52.49 3.43
CA ALA A 209 30.39 48.79 4.46
CA PRO A 210 33.18 47.21 6.71
CA THR A 211 35.76 46.25 4.00
CA GLU A 212 39.31 44.99 4.78
CA CYS A 213 41.35 47.10 2.28
CA SER A 214 44.27 46.53 4.77
CA GLN B 1 -44.90 -94.40 -8.26
CA SER B 2 -43.57 -97.78 -6.89
CA VAL B 3 -45.75 -101.01 -7.19
CA LEU B 4 -48.69 -98.66 -6.11
CA THR B 5 -48.93 -95.59 -8.43
CA GLN B 6 -49.80 -92.16 -6.95
CA PRO B 7 -49.86 -88.62 -8.77
CA PRO B 8 -46.16 -87.21 -8.25
CA SER B 9 -47.65 -83.82 -7.15
CA ALA B 10 -51.18 -82.80 -6.03
CA SER B 11 -52.04 -79.10 -5.34
CA GLY B 12 -54.94 -77.07 -3.77
CA THR B 13 -55.97 -73.61 -2.46
CA PRO B 14 -56.70 -73.21 1.39
CA GLY B 15 -60.30 -74.28 2.34
CA GLN B 16 -60.58 -76.51 -0.87
CA ARG B 17 -60.97 -80.31 -1.08
CA VAL B 18 -57.96 -82.19 -2.68
CA THR B 19 -57.92 -85.94 -3.65
CA ILE B 20 -54.80 -88.19 -3.81
CA SER B 21 -55.34 -91.49 -5.82
CA CYS B 22 -53.43 -94.79 -5.14
CA PHE B 23 -53.85 -97.33 -8.05
CA GLY B 24 -52.54 -100.96 -7.71
CA SER B 25 -53.79 -104.37 -9.06
CA SER B 26 -56.01 -107.46 -8.23
CA SER B 27 -52.83 -108.85 -6.39
CA ASN B 28 -52.86 -106.01 -3.69
CA ILE B 29 -55.73 -103.29 -3.38
CA GLY B 30 -58.41 -105.55 -5.11
CA ARG B 31 -57.48 -108.18 -2.40
CA TYR B 32 -56.52 -106.08 0.79
CA TYR B 33 -56.69 -102.85 2.88
CA VAL B 34 -54.96 -99.48 2.05
CA TYR B 35 -53.21 -97.37 4.75
CA TRP B 36 -51.81 -93.80 4.42
CA TYR B 37 -48.72 -92.04 5.88
CA GLN B 38 -48.01 -88.32 6.12
CA GLN B 39 -44.24 -87.53 6.05
CA LEU B 40 -43.38 -83.90 7.01
CA PRO B 41 -39.85 -82.41 5.96
CA GLY B 42 -36.94 -84.08 7.96
CA THR B 43 -39.32 -86.44 9.93
CA THR B 44 -40.22 -90.13 9.86
CA PRO B 45 -43.70 -90.96 8.18
CA LYS B 46 -46.72 -90.99 10.57
CA LEU B 47 -49.75 -93.38 10.29
CA LEU B 48 -52.99 -91.50 9.33
CA ILE B 49 -56.04 -92.36 11.55
CA TYR B 50 -59.49 -91.70 9.90
CA LYS B 51 -61.63 -92.07 13.10
CA ASP B 52 -61.94 -88.61 14.82
CA ASN B 53 -59.37 -87.21 12.34
CA GLN B 54 -59.53 -83.36 13.00
CA ARG B 55 -62.91 -81.56 13.73
CA PRO B 56 -64.80 -82.89 16.84
CA SER B 57 -67.95 -82.12 14.92
CA GLY B 58 -67.87 -85.00 12.37
CA VAL B 59 -65.33 -87.84 12.78
CA PRO B 60 -64.49 -87.99 8.95
CA ASP B 61 -64.57 -84.17 8.50
CA ARG B 62 -60.96 -83.41 7.32
CA PHE B 63 -59.31 -86.68 6.07
CA SER B 64 -61.39 -89.56 4.63
CA GLY B 65 -60.41 -92.68 2.57
CA SER B 66 -62.43 -94.14 -0.37
CA LYS B 67 -61.66 -97.39 -2.36
CA SER B 68 -63.22 -98.76 -5.65
CA GLY B 69 -61.76 -102.21 -6.75
CA THR B 70 -58.10 -101.53 -7.76
CA SER B 71 -57.83 -97.75 -6.72
CA ALA B 72 -57.96 -96.02 -3.33
CA SER B 73 -58.19 -92.24 -2.70
CA LEU B 74 -57.22 -90.00 0.29
CA ALA B 75 -59.58 -86.96 0.45
CA ILE B 76 -58.53 -83.81 2.44
CA SER B 77 -61.38 -81.23 3.10
CA GLY B 78 -60.70 -77.63 4.41
CA LEU B 79 -57.05 -77.65 3.14
CA ARG B 80 -54.54 -75.76 5.47
CA SER B 81 -50.80 -74.82 4.98
CA GLU B 82 -49.88 -77.49 7.73
CA ASP B 83 -51.06 -80.29 5.23
CA GLU B 84 -47.96 -79.69 2.94
CA ALA B 85 -46.24 -83.09 3.17
CA ASP B 86 -45.39 -86.26 1.20
CA TYR B 87 -48.38 -88.74 1.33
CA TYR B 88 -47.71 -92.50 0.82
CA CYS B 89 -50.43 -95.11 0.35
CA ALA B 90 -49.47 -98.68 1.29
CA ALA B 91 -51.22 -102.08 0.70
CA TRP B 92 -50.40 -105.85 1.11
CA ASP B 93 -49.66 -108.59 -1.47
CA ASP B 94 -49.68 -111.84 0.72
CA SER B 95 -47.43 -110.94 3.80
CA LEU B 96 -45.40 -108.36 1.65
CA TRP B 97 -45.98 -104.66 2.51
CA VAL B 98 -46.21 -102.55 -0.67
CA PHE B 99 -45.72 -98.71 -0.67
CA GLY B 100 -46.79 -96.19 -3.29
CA GLY B 101 -44.25 -93.74 -4.73
CA GLY B 102 -45.39 -90.63 -2.73
CA THR B 103 -47.32 -87.43 -3.49
CA THR B 104 -45.98 -83.96 -2.65
CA LEU B 105 -49.09 -81.93 -1.58
CA THR B 106 -48.49 -78.17 -2.26
CA VAL B 107 -50.77 -75.46 -0.71
CA LEU B 108 -51.32 -72.53 -3.16
CA SER B 109 -51.93 -68.77 -2.49
CA GLN B 110 -49.45 -68.92 0.54
CA PRO B 111 -48.13 -65.34 1.38
CA LYS B 112 -44.67 -64.41 0.01
CA ALA B 113 -42.03 -64.15 2.79
CA ALA B 114 -38.89 -62.08 1.92
CA PRO B 115 -35.59 -63.85 3.13
CA SER B 116 -33.74 -62.93 6.34
CA VAL B 117 -30.06 -62.75 5.16
CA THR B 118 -27.08 -63.08 7.56
CA LEU B 119 -23.53 -62.60 6.14
CA PHE B 120 -20.43 -63.59 8.18
CA PRO B 121 -16.73 -62.72 7.46
CA PRO B 122 -14.12 -65.61 7.80
CA SER B 123 -12.83 -66.32 11.39
CA SER B 124 -9.20 -65.21 12.28
CA GLU B 125 -8.35 -68.96 12.99
CA GLU B 126 -9.50 -69.86 9.34
CA LEU B 127 -6.97 -67.15 8.02
CA GLN B 128 -4.09 -68.96 9.98
CA ALA B 129 -5.24 -72.16 8.02
CA ASN B 130 -4.57 -70.04 4.75
CA LYS B 131 -8.36 -70.24 3.85
CA ALA B 132 -11.26 -67.71 3.97
CA THR B 133 -15.00 -68.71 3.94
CA LEU B 134 -17.75 -66.00 3.78
CA VAL B 135 -21.09 -67.53 5.00
CA CYS B 136 -24.37 -66.09 3.56
CA LEU B 137 -27.31 -67.71 5.49
CA ILE B 138 -30.79 -67.34 3.85
CA SER B 139 -33.93 -68.21 5.95
CA ASP B 140 -37.74 -67.85 6.20
CA PHE B 141 -38.50 -67.19 2.43
CA TYR B 142 -41.50 -68.32 0.34
CA PRO B 143 -41.63 -69.23 -2.63
CA GLY B 144 -38.56 -71.63 -2.80
CA ALA B 145 -36.54 -69.91 -5.66
CA VAL B 146 -33.69 -67.40 -4.85
CA THR B 147 -30.72 -66.12 -6.97
CA VAL B 148 -27.55 -65.60 -4.84
CA ALA B 149 -24.78 -63.40 -6.37
CA TRP B 150 -21.43 -62.38 -4.71
CA LYS B 151 -19.80 -58.96 -5.33
CA ALA B 152 -16.16 -58.01 -4.45
CA ASP B 153 -16.50 -54.14 -4.25
CA SER B 154 -18.92 -53.46 -7.20
CA SER B 155 -17.55 -56.36 -9.47
CA PRO B 156 -19.16 -59.96 -9.76
CA VAL B 157 -17.65 -63.09 -8.14
CA LYS B 158 -18.35 -66.31 -10.15
CA ALA B 159 -15.52 -68.67 -8.86
CA GLY B 160 -15.36 -70.27 -5.33
CA VAL B 161 -19.23 -69.99 -4.86
CA GLU B 162 -21.16 -73.01 -3.56
CA THR B 163 -24.94 -72.40 -2.96
CA THR B 164 -27.45 -75.07 -1.72
CA THR B 165 -30.76 -75.80 -3.42
CA PRO B 166 -33.45 -74.29 -0.96
CA SER B 167 -34.87 -76.99 1.43
CA LYS B 168 -38.37 -76.80 3.05
CA GLN B 169 -38.30 -76.22 6.88
CA SER B 170 -41.00 -77.35 9.54
CA ASN B 171 -42.79 -73.99 9.06
CA ASN B 172 -43.37 -74.12 5.18
CA LYS B 173 -40.60 -71.54 4.40
CA TYR B 174 -37.22 -72.39 2.79
CA ALA B 175 -33.59 -72.14 4.02
CA ALA B 176 -30.50 -71.79 1.75
CA SER B 177 -26.76 -71.18 2.37
CA SER B 178 -24.04 -69.70 0.05
CA TYR B 179 -20.27 -70.07 0.82
CA LEU B 180 -17.59 -68.01 -0.97
CA SER B 181 -14.10 -69.65 -0.70
CA LEU B 182 -11.34 -66.97 -1.07
CA THR B 183 -7.58 -66.86 -0.41
CA PRO B 184 -6.68 -64.46 2.65
CA GLU B 185 -4.90 -62.19 0.01
CA GLN B 186 -8.24 -61.84 -2.04
CA TRP B 187 -10.17 -61.23 1.30
CA LYS B 188 -7.79 -58.31 2.39
CA SER B 189 -7.43 -56.86 -1.25
CA HIS B 190 -11.10 -55.51 -1.39
CA ARG B 191 -12.87 -52.82 0.81
CA SER B 192 -16.04 -55.05 0.97
CA TYR B 193 -17.78 -58.33 -0.03
CA SER B 194 -21.59 -58.45 -0.58
CA CYS B 195 -24.00 -61.41 -0.51
CA GLN B 196 -26.75 -60.19 -2.92
CA VAL B 197 -30.01 -62.25 -2.67
CA THR B 198 -32.87 -61.60 -5.13
CA HIS B 199 -36.24 -63.23 -4.24
CA GLU B 200 -39.33 -62.52 -6.53
CA GLY B 201 -37.64 -59.41 -8.20
CA SER B 202 -36.73 -57.83 -4.73
CA THR B 203 -33.01 -57.81 -3.63
CA VAL B 204 -31.67 -57.99 -0.03
CA GLU B 205 -27.87 -57.18 0.08
CA LYS B 206 -25.57 -57.57 3.16
CA THR B 207 -21.94 -56.37 3.11
CA VAL B 208 -18.85 -57.27 5.18
CA ALA B 209 -15.41 -55.50 5.12
CA PRO B 210 -11.95 -56.94 6.28
CA THR B 211 -11.96 -55.81 9.96
CA GLU B 212 -9.33 -56.93 12.54
CA CYS B 213 -11.61 -57.81 15.52
CA SER B 214 -8.70 -60.13 16.59
CA ARG C 1 -43.27 -94.10 25.85
CA LEU C 2 -42.43 -95.54 22.36
CA GLN C 3 -38.61 -95.83 21.76
CA LEU C 4 -37.22 -97.31 18.52
CA GLN C 5 -33.52 -96.34 18.06
CA GLU C 6 -31.47 -97.66 15.13
CA SER C 7 -27.66 -97.99 15.59
CA GLY C 8 -24.94 -98.91 13.03
CA PRO C 9 -22.17 -97.57 10.64
CA GLY C 10 -22.87 -94.15 8.96
CA LEU C 11 -20.37 -95.15 6.17
CA VAL C 12 -19.86 -98.59 4.52
CA LYS C 13 -17.55 -99.35 1.44
CA PRO C 14 -19.19 -101.08 -1.73
CA SER C 15 -19.30 -105.00 -1.64
CA GLU C 16 -19.48 -105.05 2.29
CA THR C 17 -22.45 -106.01 4.51
CA LEU C 18 -24.49 -103.09 6.02
CA SER C 19 -25.34 -104.17 9.67
CA LEU C 20 -28.02 -102.11 11.61
CA THR C 21 -29.49 -102.90 15.08
CA CYS C 22 -32.78 -101.38 16.39
CA ILE C 23 -33.31 -101.19 20.20
CA VAL C 24 -36.91 -101.18 21.56
CA SER C 25 -38.18 -99.80 24.87
CA GLY C 26 -41.64 -98.99 26.42
CA GLY C 27 -43.64 -101.97 25.01
CA PRO C 28 -43.96 -105.80 24.64
CA ILE C 29 -40.99 -106.35 22.30
CA ARG C 30 -40.20 -109.59 22.92
CA ARG C 31 -40.67 -110.08 19.23
CA THR C 32 -43.91 -111.57 20.75
CA GLY C 33 -46.63 -109.55 19.46
CA TYR C 34 -45.51 -107.58 16.41
CA TYR C 35 -43.54 -107.58 13.12
CA TRP C 36 -40.18 -105.72 13.44
CA GLY C 37 -39.99 -103.78 10.25
CA TRP C 38 -37.10 -102.35 8.36
CA ILE C 39 -37.96 -99.78 5.71
CA ARG C 40 -35.56 -97.46 3.76
CA GLN C 41 -35.86 -94.05 2.06
CA PRO C 42 -33.02 -93.23 -0.51
CA PRO C 43 -32.31 -89.34 -0.76
CA GLY C 44 -35.04 -87.68 -2.97
CA LYS C 45 -36.98 -91.04 -3.39
CA GLY C 46 -40.05 -92.91 -1.96
CA LEU C 47 -40.32 -95.41 0.92
CA GLU C 48 -39.23 -99.04 0.22
CA TRP C 49 -40.28 -101.84 2.62
CA ILE C 50 -37.25 -104.12 3.41
CA GLY C 51 -38.87 -106.81 5.59
CA GLY C 52 -40.24 -107.71 9.01
CA VAL C 53 -39.41 -110.30 11.70
CA TYR C 54 -41.38 -112.05 14.47
CA TYR C 55 -39.89 -113.81 17.68
CA THR C 56 -40.54 -117.28 16.31
CA GLY C 57 -38.27 -116.47 13.26
CA SER C 58 -41.38 -115.92 10.98
CA ILE C 59 -39.76 -113.47 8.49
CA TYR C 60 -40.80 -111.79 5.21
CA TYR C 61 -38.70 -109.55 2.94
CA ASN C 62 -39.24 -107.66 -0.37
CA PRO C 63 -38.36 -110.01 -3.45
CA SER C 64 -35.99 -107.35 -5.09
CA LEU C 65 -33.57 -107.80 -2.05
CA ARG C 66 -34.01 -111.72 -1.87
CA GLY C 67 -30.29 -112.94 -1.75
CA ARG C 68 -29.06 -109.90 0.30
CA VAL C 69 -31.10 -109.62 3.62
CA THR C 70 -30.64 -111.65 6.82
CA ILE C 71 -32.64 -110.32 9.86
CA SER C 72 -31.52 -111.36 13.42
CA VAL C 73 -33.58 -111.27 16.67
CA ASP C 74 -32.12 -111.06 20.27
CA THR C 75 -35.13 -111.61 22.76
CA SER C 76 -32.90 -111.09 25.91
CA ARG C 77 -31.58 -107.69 24.51
CA ASN C 78 -34.90 -106.21 23.07
CA GLN C 79 -32.98 -105.81 19.71
CA PHE C 80 -33.49 -106.90 16.06
CA SER C 81 -30.82 -106.39 13.29
CA LEU C 82 -30.82 -106.02 9.46
CA ASN C 83 -27.75 -107.44 7.61
CA LEU C 84 -27.77 -106.30 3.88
CA ARG C 85 -24.89 -107.98 1.88
CA SER C 86 -23.03 -106.73 -1.30
CA MET C 87 -24.05 -103.02 -0.94
CA SER C 88 -23.70 -100.51 -3.83
CA ALA C 89 -24.28 -96.69 -4.15
CA ALA C 90 -28.07 -97.58 -4.66
CA ASP C 91 -28.22 -98.72 -0.92
CA THR C 92 -27.45 -95.11 0.34
CA ALA C 93 -30.66 -94.39 2.29
CA MET C 94 -32.15 -93.42 5.64
CA TYR C 95 -33.00 -96.82 7.29
CA TYR C 96 -35.86 -96.69 9.81
CA CYS C 97 -36.65 -99.57 12.11
CA ALA C 98 -40.43 -99.69 12.69
CA ARG C 99 -43.00 -101.22 15.06
CA GLY C 100 -45.68 -99.35 17.16
CA ASN C 101 -46.27 -98.85 20.89
CA PRO C 102 -49.96 -97.63 21.70
CA PRO C 103 -52.87 -100.35 21.61
CA PRO C 104 -52.41 -102.96 18.67
CA TYR C 105 -51.01 -100.86 15.73
CA TYR C 106 -47.28 -101.76 15.16
CA ASP C 107 -46.01 -103.45 12.15
CA ILE C 108 -49.10 -105.17 13.69
CA GLY C 109 -49.81 -107.57 10.75
CA THR C 110 -53.42 -106.45 10.64
CA GLY C 111 -54.69 -103.51 12.79
CA SER C 112 -56.04 -100.24 11.58
CA ASP C 113 -56.54 -100.53 7.96
CA ASP C 114 -53.15 -102.31 8.51
CA GLY C 115 -50.08 -100.23 9.13
CA ILE C 116 -46.81 -99.17 10.78
CA ASP C 117 -47.77 -96.96 13.90
CA VAL C 118 -44.25 -96.10 15.31
CA TRP C 119 -41.06 -95.47 13.41
CA GLY C 120 -37.52 -94.76 14.67
CA GLN C 121 -35.65 -91.51 13.84
CA GLY C 122 -33.82 -93.00 10.74
CA THR C 123 -30.06 -93.74 10.39
CA THR C 124 -28.37 -92.25 7.24
CA VAL C 125 -26.07 -94.98 5.76
CA HIS C 126 -23.81 -93.61 2.96
CA VAL C 127 -22.15 -96.21 0.60
CA SER C 128 -18.79 -94.86 -0.76
CA SER C 129 -15.15 -95.79 -1.45
CA ALA C 130 -14.22 -92.27 0.01
CA PRO C 131 -12.87 -92.38 3.71
CA THR C 132 -14.73 -90.53 6.51
CA LYS C 133 -13.19 -87.15 7.56
CA ALA C 134 -14.01 -85.39 10.85
CA PRO C 135 -14.82 -81.58 10.44
CA ASP C 136 -12.72 -78.55 11.35
CA VAL C 137 -14.90 -76.19 13.54
CA PHE C 138 -14.53 -72.37 13.10
CA PRO C 139 -16.38 -69.83 15.42
CA ILE C 140 -18.61 -67.41 13.65
CA ILE C 141 -18.15 -64.36 15.91
CA SER C 142 -21.10 -61.98 16.39
CA GLY C 143 -20.45 -58.15 15.85
CA CYS C 144 -17.61 -57.91 18.49
CA ARG C 145 -16.80 -54.15 17.80
CA HIS C 146 -20.49 -53.19 18.39
CA PRO C 147 -24.05 -54.67 17.72
CA LYS C 148 -26.53 -52.73 15.47
CA ASP C 149 -28.49 -49.98 17.49
CA ASN C 150 -31.69 -52.19 17.60
CA SER C 151 -30.93 -55.95 17.05
CA PRO C 152 -29.94 -59.15 19.04
CA VAL C 153 -26.63 -60.52 17.67
CA VAL C 154 -26.19 -63.74 15.65
CA LEU C 155 -23.21 -66.05 16.47
CA ALA C 156 -22.52 -69.51 14.89
CA CYS C 157 -20.07 -72.39 14.32
CA LEU C 158 -18.92 -73.15 10.77
CA ILE C 159 -18.50 -76.89 10.62
CA THR C 160 -16.36 -77.52 7.48
CA GLY C 161 -14.88 -80.35 5.30
CA TYR C 162 -16.50 -83.54 6.76
CA HIS C 163 -17.65 -86.76 5.02
CA PRO C 164 -20.28 -88.36 5.15
CA THR C 165 -23.54 -86.83 6.51
CA SER C 166 -24.85 -86.41 9.27
CA VAL C 167 -23.36 -84.16 11.90
CA THR C 168 -25.31 -83.24 15.11
CA VAL C 169 -24.77 -79.63 16.44
CA THR C 170 -26.21 -78.66 19.91
CA TRP C 171 -25.29 -75.48 21.93
CA TYR C 172 -24.23 -75.41 25.61
CA MET C 173 -24.73 -79.31 25.84
CA GLY C 174 -28.45 -78.95 24.61
CA THR C 175 -29.38 -76.15 27.22
CA GLN C 176 -29.58 -73.40 24.45
CA SER C 177 -32.65 -74.26 22.27
CA GLN C 178 -33.92 -70.53 21.99
CA PRO C 179 -33.55 -69.51 18.26
CA GLN C 180 -30.93 -72.09 17.13
CA ARG C 181 -31.02 -72.72 13.32
CA THR C 182 -28.76 -75.48 11.92
CA PHE C 183 -28.81 -75.04 8.10
CA PRO C 184 -28.65 -78.02 5.59
CA GLU C 185 -25.06 -78.82 4.53
CA ILE C 186 -23.52 -78.03 1.11
CA GLN C 187 -21.90 -80.82 -0.94
CA ARG C 188 -18.72 -78.91 -2.11
CA ARG C 189 -16.78 -79.71 -5.41
CA ASP C 190 -14.15 -81.39 -3.08
CA SER C 191 -16.90 -84.13 -2.21
CA TYR C 192 -16.96 -82.84 1.46
CA TYR C 193 -19.82 -81.28 3.46
CA MET C 194 -19.91 -77.80 5.10
CA THR C 195 -22.83 -76.52 7.30
CA SER C 196 -23.39 -73.59 9.74
CA SER C 197 -25.39 -73.60 13.05
CA GLN C 198 -26.48 -70.04 14.12
CA LEU C 199 -28.08 -68.69 17.36
CA SER C 200 -29.85 -65.31 17.76
CA THR C 201 -28.86 -64.08 21.32
CA PRO C 202 -29.58 -60.71 23.23
CA LEU C 203 -26.73 -58.09 22.97
CA GLN C 204 -26.05 -57.77 26.80
CA GLN C 205 -25.26 -61.58 27.00
CA TRP C 206 -22.05 -61.64 24.67
CA ARG C 207 -19.64 -60.95 27.71
CA GLN C 208 -21.49 -62.77 30.68
CA GLY C 209 -23.11 -65.77 28.81
CA GLU C 210 -20.75 -68.34 27.20
CA TYR C 211 -21.73 -69.99 23.83
CA LYS C 212 -20.18 -73.44 23.12
CA CYS C 213 -21.08 -75.45 19.96
CA VAL C 214 -20.80 -79.19 20.64
CA VAL C 215 -20.30 -80.89 17.22
CA GLN C 216 -20.73 -84.75 16.97
CA HIS C 217 -19.59 -86.45 13.72
CA THR C 218 -20.46 -90.19 14.46
CA ALA C 219 -18.89 -91.65 11.17
CA SER C 220 -15.30 -90.37 12.06
CA LYS C 221 -15.97 -90.75 15.93
CA SER C 222 -15.03 -87.02 16.47
CA LYS C 223 -16.64 -84.68 19.03
CA LYS C 224 -15.43 -81.01 18.93
CA GLU C 225 -16.46 -78.41 21.58
CA ILE C 226 -15.78 -74.81 20.28
CA PHE C 227 -17.51 -71.28 20.10
CA ARG C 228 -18.34 -68.41 17.99
CA TRP C 229 -17.83 -65.24 20.23
CA PRO C 230 -15.77 -62.11 19.22
CA GLU C 231 -12.35 -62.32 20.84
CA SER C 232 -9.86 -59.98 19.02
CA PRO C 233 -6.84 -58.14 20.68
CA LYS C 234 -7.40 -54.71 18.89
CA ALA C 235 -9.94 -53.97 15.94
CA GLN C 236 -8.96 -51.71 12.79
CA ALA C 237 -10.90 -50.13 9.52
CA SER C 238 -7.84 -50.15 7.20
CA SER C 239 -6.97 -54.02 6.92
CA VAL C 240 -8.93 -53.63 3.62
CA PRO C 241 -5.88 -51.85 1.77
CA THR C 242 -6.64 -48.65 -0.30
CA ALA C 243 -3.46 -48.74 -2.53
CA GLN C 244 -2.89 -51.86 -4.68
CA PRO C 245 0.23 -52.64 -4.51
CA GLN C 246 0.83 -51.37 -0.87
CA ALA C 247 4.76 -51.71 -0.59
CA GLU C 248 5.24 -49.19 2.30
CA GLY C 249 1.65 -49.56 3.90
CA SER C 250 -0.62 -52.17 5.96
CA LEU C 251 -2.48 -51.54 9.48
CA ALA C 252 -1.54 -48.03 10.78
CA LYS C 253 -2.53 -44.62 9.03
CA ALA C 254 -1.47 -40.92 9.75
CA THR C 255 -0.24 -38.49 7.12
CA THR C 256 1.44 -35.39 9.06
CA ALA C 257 2.37 -37.35 12.35
CA PRO C 258 5.85 -36.16 14.01
CA ALA C 259 4.47 -33.76 16.97
CA THR C 260 2.59 -36.06 19.35
CA THR C 261 3.37 -39.66 18.28
CA ARG C 262 0.10 -41.14 16.39
CA ASN C 263 1.87 -43.62 13.89
CA THR C 264 1.97 -46.70 16.34
CA GLY C 265 3.01 -50.30 15.93
CA ARG C 266 3.02 -51.15 12.03
CA GLY C 267 2.30 -48.91 9.14
CA GLY C 268 3.23 -45.65 7.47
CA GLU C 269 0.57 -44.16 5.34
CA GLU C 270 2.91 -41.87 4.64
CA LYS C 271 5.32 -39.84 6.71
CA LYS C 272 7.58 -37.77 4.21
CA LYS C 273 4.86 -35.57 2.38
CA GLU C 274 6.47 -35.51 -1.21
CA LYS C 275 6.71 -32.64 -3.74
CA GLU C 276 8.50 -29.91 -1.33
CA LYS C 277 12.50 -30.20 -1.84
CA GLU C 278 11.85 -29.87 -5.92
CA GLU C 279 12.11 -26.21 -6.72
CA GLN C 280 9.64 -24.41 -4.27
CA GLU C 281 11.09 -22.73 -1.10
CA GLU C 282 10.47 -20.43 2.14
CA ARG C 283 9.95 -16.71 1.60
CA GLU C 284 11.50 -15.85 5.18
CA THR C 285 15.44 -16.46 5.45
CA LYS C 286 16.06 -19.21 2.63
CA THR C 287 16.89 -16.58 -0.25
CA PRO C 288 14.05 -14.02 -0.73
CA GLU C 289 14.74 -10.67 0.05
CA CYS C 290 16.72 -8.54 2.54
CA PRO C 291 15.93 -5.76 5.10
CA SER C 292 18.27 -2.88 4.09
CA HIS C 293 20.19 -0.12 5.89
CA THR C 294 19.48 3.56 5.07
CA GLN C 295 21.21 5.74 2.52
CA PRO C 296 20.36 9.48 1.79
CA LEU C 297 16.88 8.54 0.48
CA GLY C 298 16.25 9.40 -3.18
CA VAL C 299 14.27 12.18 -4.77
CA TYR C 300 10.84 12.60 -6.32
CA LEU C 301 10.12 15.15 -9.04
CA LEU C 302 6.83 17.05 -9.22
CA THR C 303 5.73 18.65 -12.48
CA PRO C 304 3.86 22.05 -12.53
CA ALA C 305 0.11 21.93 -12.59
CA VAL C 306 -1.92 22.30 -15.83
CA GLN C 307 -3.78 25.27 -14.14
CA ASP C 308 -0.36 27.10 -14.15
CA LEU C 309 -0.82 27.06 -17.95
CA TRP C 310 -2.04 30.68 -17.22
CA LEU C 311 0.78 33.23 -17.65
CA ARG C 312 -0.53 35.09 -14.51
CA ASP C 313 0.41 32.27 -12.11
CA LYS C 314 3.98 31.00 -11.79
CA ALA C 315 4.49 27.30 -12.54
CA THR C 316 7.14 25.53 -10.42
CA PHE C 317 8.95 22.25 -10.56
CA THR C 318 9.39 20.75 -6.99
CA CYS C 319 12.26 18.31 -6.11
CA PHE C 320 11.61 16.51 -2.76
CA VAL C 321 14.73 14.89 -1.17
CA VAL C 322 14.56 12.81 2.02
CA GLY C 323 17.12 10.97 4.23
CA SER C 324 19.70 13.82 4.01
CA ASP C 325 22.39 13.20 6.67
CA LEU C 326 23.03 16.18 9.08
CA LYS C 327 26.78 16.51 8.11
CA ASP C 328 26.13 16.99 4.32
CA ALA C 329 23.15 19.38 3.83
CA HIS C 330 23.79 20.56 0.16
CA LEU C 331 21.79 19.94 -3.17
CA THR C 332 21.67 21.30 -6.91
CA TRP C 333 19.54 21.90 -10.16
CA GLU C 334 20.09 22.04 -13.98
CA VAL C 335 17.52 23.18 -16.69
CA ALA C 336 17.90 21.17 -19.96
CA GLY C 337 20.74 18.90 -21.23
CA LYS C 338 22.37 22.12 -22.75
CA VAL C 339 23.25 23.85 -19.42
CA PRO C 340 22.75 23.96 -15.62
CA THR C 341 21.02 26.88 -14.07
CA GLY C 342 23.01 27.44 -10.80
CA GLY C 343 19.54 28.46 -9.66
CA VAL C 344 17.72 31.47 -11.27
CA GLU C 345 15.11 31.22 -8.52
CA GLU C 346 15.76 27.88 -6.76
CA GLY C 347 14.57 28.21 -3.13
CA LEU C 348 15.28 25.26 -0.90
CA LEU C 349 14.59 25.18 2.85
CA GLU C 350 16.20 22.83 5.42
CA ARG C 351 13.63 20.90 7.49
CA HIS C 352 14.71 18.99 10.62
CA SER C 353 12.95 15.57 10.48
CA ASN C 354 13.52 12.77 13.14
CA GLY C 355 17.39 12.26 13.03
CA SER C 356 17.42 13.36 9.31
CA GLN C 357 16.99 16.45 7.04
CA SER C 358 14.21 16.89 4.46
CA GLN C 359 15.05 19.42 1.72
CA HIS C 360 12.38 20.46 -0.78
CA SER C 361 13.64 22.84 -3.55
CA ARG C 362 11.20 24.73 -5.82
CA LEU C 363 12.55 25.77 -9.24
CA THR C 364 10.47 28.44 -11.06
CA LEU C 365 9.49 27.34 -14.57
CA PRO C 366 8.94 29.95 -17.40
CA ARG C 367 5.80 28.83 -19.40
CA SER C 368 7.62 28.81 -22.84
CA LEU C 369 10.38 26.32 -21.65
CA TRP C 370 7.79 23.76 -20.28
CA ASN C 371 5.61 24.22 -23.45
CA ALA C 372 8.82 23.83 -25.62
CA GLY C 373 9.38 20.41 -23.89
CA THR C 374 12.78 21.18 -22.26
CA SER C 375 13.91 18.68 -19.63
CA VAL C 376 14.16 19.87 -16.02
CA THR C 377 16.84 17.88 -14.10
CA CYS C 378 17.16 17.88 -10.31
CA THR C 379 20.58 16.32 -9.73
CA LEU C 380 20.64 14.96 -6.17
CA ASN C 381 24.15 15.66 -4.95
CA HIS C 382 25.24 15.48 -1.35
CA PRO C 383 29.11 15.21 -0.72
CA SER C 384 28.01 12.16 1.50
CA LEU C 385 26.51 10.17 -1.48
CA PRO C 386 29.46 9.49 -4.02
CA PRO C 387 27.01 8.83 -7.07
CA GLN C 388 24.53 11.64 -7.95
CA ARG C 389 20.77 10.76 -8.20
CA LEU C 390 19.66 12.49 -11.46
CA MET C 391 15.91 12.59 -11.77
CA ALA C 392 14.70 14.50 -14.87
CA LEU C 393 11.12 15.31 -15.94
CA ARG C 394 9.48 17.13 -18.83
CA GLU C 395 6.05 17.29 -20.45
CA PRO C 396 4.92 14.19 -22.60
CA ALA C 397 6.82 13.92 -25.95
CA ALA C 398 4.62 13.85 -29.10
CA GLN C 399 2.87 16.42 -31.29
CA ALA C 400 0.58 16.46 -28.21
CA PRO C 401 -1.09 19.96 -29.06
CA VAL C 402 -4.49 18.90 -30.49
CA LYS C 403 -7.42 21.18 -29.56
CA LEU C 404 -9.93 19.37 -27.37
CA SER C 405 -13.52 19.50 -28.64
CA LEU C 406 -15.73 20.62 -25.72
CA ASN C 407 -19.34 19.57 -26.19
CA LEU C 408 -21.91 19.80 -23.43
CA LEU C 409 -24.67 17.20 -23.19
CA ALA C 410 -28.00 18.06 -21.51
CA SER C 411 -29.73 15.42 -19.31
CA SER C 412 -31.85 12.95 -21.39
CA ASP C 413 -35.68 12.53 -20.90
CA PRO C 414 -35.33 9.09 -18.88
CA PRO C 415 -33.15 11.09 -16.24
CA GLU C 416 -36.12 13.64 -15.98
CA ALA C 417 -37.25 11.42 -12.97
CA ALA C 418 -33.96 12.59 -11.31
CA SER C 419 -31.64 15.18 -13.20
CA TRP C 420 -27.87 15.92 -13.93
CA LEU C 421 -25.47 17.47 -16.63
CA LEU C 422 -22.41 16.63 -18.91
CA CYS C 423 -19.34 17.92 -20.82
CA GLU C 424 -17.52 15.60 -23.23
CA VAL C 425 -13.94 16.57 -23.76
CA SER C 426 -12.45 14.79 -26.75
CA GLY C 427 -9.53 14.56 -29.18
CA PHE C 428 -6.80 16.38 -27.15
CA SER C 429 -3.16 15.94 -26.27
CA PRO C 430 -1.19 16.20 -23.99
CA PRO C 431 -3.36 14.47 -21.15
CA ASN C 432 -2.62 17.65 -19.05
CA ILE C 433 -6.03 19.37 -18.85
CA LEU C 434 -8.14 21.44 -16.41
CA LEU C 435 -11.92 20.97 -16.61
CA MET C 436 -13.78 23.18 -14.09
CA TRP C 437 -17.56 24.07 -13.78
CA LEU C 438 -19.31 27.37 -13.02
CA GLU C 439 -23.07 28.02 -12.48
CA ASP C 440 -22.39 31.86 -12.77
CA GLN C 441 -19.65 33.96 -11.01
CA ARG C 442 -18.88 31.15 -8.49
CA GLU C 443 -17.74 27.57 -9.00
CA VAL C 444 -19.78 24.48 -8.40
CA ASN C 445 -18.52 22.02 -5.74
CA THR C 446 -20.90 19.27 -7.14
CA SER C 447 -18.75 17.98 -9.97
CA GLY C 448 -19.99 14.29 -9.90
CA PHE C 449 -17.98 13.38 -13.10
CA ALA C 450 -15.94 11.58 -10.74
CA PRO C 451 -15.19 15.09 -9.76
CA ALA C 452 -13.56 14.74 -13.25
CA ARG C 453 -13.08 11.31 -14.84
CA PRO C 454 -9.26 11.01 -15.31
CA PRO C 455 -8.27 11.06 -19.10
CA PRO C 456 -8.44 7.62 -20.95
CA GLN C 457 -6.35 6.93 -24.02
CA PRO C 458 -8.64 6.80 -27.23
CA GLY C 459 -7.81 5.14 -30.56
CA SER C 460 -6.71 8.49 -32.20
CA THR C 461 -3.66 8.50 -29.69
CA THR C 462 -5.35 11.68 -28.22
CA PHE C 463 -7.31 11.88 -24.88
CA TRP C 464 -10.94 12.01 -23.93
CA ALA C 465 -12.45 12.76 -20.49
CA TRP C 466 -16.13 13.11 -19.44
CA SER C 467 -17.43 15.65 -17.08
CA VAL C 468 -20.72 15.41 -15.13
CA LEU C 469 -21.99 17.98 -12.65
CA ARG C 470 -24.47 16.94 -10.13
CA VAL C 471 -27.18 19.56 -10.13
CA PRO C 472 -30.68 19.00 -8.53
CA ALA C 473 -33.59 18.72 -11.08
CA PRO C 474 -35.23 21.96 -9.54
CA PRO C 475 -32.14 24.33 -10.52
CA SER C 476 -32.00 22.77 -14.12
CA PRO C 477 -35.72 24.07 -14.42
CA GLN C 478 -36.07 27.69 -13.13
CA PRO C 479 -33.48 27.99 -16.00
CA ALA C 480 -29.88 28.50 -14.75
CA THR C 481 -26.85 28.48 -17.12
CA TYR C 482 -24.09 25.96 -16.18
CA THR C 483 -20.69 26.33 -17.92
CA CYS C 484 -18.07 23.68 -18.87
CA VAL C 485 -14.76 25.55 -18.79
CA VAL C 486 -11.63 23.68 -20.05
CA SER C 487 -8.07 25.09 -19.95
CA HIS C 488 -5.67 23.35 -22.40
CA GLU C 489 -2.28 24.18 -24.03
CA ASP C 490 -3.54 24.66 -27.65
CA SER C 491 -6.74 26.56 -26.80
CA ARG C 492 -6.87 29.98 -28.68
CA THR C 493 -7.12 32.06 -25.42
CA LEU C 494 -5.64 29.04 -23.38
CA LEU C 495 -9.22 28.49 -22.19
CA ASN C 496 -11.66 26.77 -24.57
CA ALA C 497 -14.69 29.07 -24.90
CA SER C 498 -16.57 27.52 -22.08
CA ARG C 499 -19.55 25.63 -23.45
CA SER C 500 -22.79 26.74 -21.74
CA LEU C 501 -25.82 24.66 -20.83
CA GLU C 502 -29.20 26.19 -20.10
CA VAL C 503 -32.67 24.54 -20.12
CA SER C 504 -36.21 25.04 -21.56
CA TYR C 505 -34.67 25.12 -25.12
CA VAL C 506 -37.47 24.56 -27.56
CA THR C 507 -36.62 21.85 -30.07
CA ASP C 508 -37.77 22.42 -33.67
CA HIS C 509 -39.14 18.97 -34.65
CA GLY C 510 -42.16 18.27 -36.92
CA PRO C 511 -45.41 18.50 -34.73
CA MET C 512 -47.20 15.14 -34.11
CA ARG D 1 54.49 94.45 -1.01
CA LEU D 2 52.49 95.01 2.28
CA GLN D 3 53.47 92.47 5.04
CA LEU D 4 51.91 92.65 8.54
CA GLN D 5 52.40 89.33 10.41
CA GLU D 6 51.25 88.90 14.02
CA SER D 7 53.12 86.33 16.22
CA GLY D 8 52.35 85.13 19.79
CA PRO D 9 50.76 82.31 21.97
CA GLY D 10 47.64 80.55 20.48
CA LEU D 11 46.63 79.58 24.10
CA VAL D 12 46.93 81.65 27.34
CA LYS D 13 45.52 80.65 30.85
CA PRO D 14 43.06 83.19 32.65
CA SER D 15 44.78 85.96 34.82
CA GLU D 16 48.01 85.93 32.56
CA THR D 17 49.21 88.62 30.12
CA LEU D 18 48.49 88.02 26.38
CA SER D 19 51.69 89.19 24.48
CA LEU D 20 51.47 89.63 20.61
CA THR D 21 54.18 91.05 18.29
CA CYS D 22 53.45 92.34 14.72
CA ILE D 23 56.36 92.40 12.18
CA VAL D 24 56.20 94.92 9.30
CA SER D 25 57.91 94.73 5.89
CA GLY D 26 57.63 96.61 2.51
CA GLY D 27 57.04 100.17 3.85
CA PRO D 28 58.28 103.05 6.10
CA ILE D 29 57.62 101.40 9.47
CA ARG D 30 59.82 103.02 11.50
CA ARG D 31 56.78 103.89 13.55
CA THR D 32 57.56 107.18 11.65
CA GLY D 33 54.67 107.83 9.59
CA TYR D 34 51.67 105.82 10.78
CA TYR D 35 49.63 104.55 13.77
CA TRP D 36 50.27 100.82 14.51
CA GLY D 37 46.85 99.51 15.25
CA TRP D 38 45.68 96.53 17.17
CA ILE D 39 42.06 95.52 16.63
CA ARG D 40 40.29 92.30 17.78
CA GLN D 41 37.30 90.25 16.56
CA PRO D 42 35.81 87.76 19.20
CA PRO D 43 34.17 84.58 17.47
CA GLY D 44 30.66 85.53 16.12
CA LYS D 45 31.08 89.27 17.16
CA GLY D 46 32.00 92.70 15.65
CA LEU D 47 35.37 94.47 15.34
CA GLU D 48 36.73 96.21 18.50
CA TRP D 49 39.58 98.77 18.18
CA ILE D 50 42.28 98.10 20.87
CA GLY D 51 44.68 101.02 20.28
CA GLY D 52 47.44 102.46 18.09
CA VAL D 53 51.07 103.50 18.60
CA TYR D 54 53.45 105.99 16.92
CA TYR D 55 57.39 105.96 17.04
CA THR D 56 57.53 108.89 19.46
CA GLY D 57 55.45 106.84 22.02
CA SER D 58 52.21 108.82 21.12
CA ILE D 59 49.66 106.10 22.03
CA TYR D 60 45.84 105.86 22.25
CA TYR D 61 43.72 102.92 23.44
CA ASN D 62 39.97 102.16 23.85
CA PRO D 63 38.74 103.30 27.45
CA SER D 64 37.06 99.85 28.21
CA LEU D 65 40.63 98.24 28.23
CA ARG D 66 42.33 101.25 30.16
CA GLY D 67 44.25 99.38 33.01
CA ARG D 68 45.07 96.29 30.82
CA VAL D 69 47.00 97.42 27.62
CA THR D 70 50.69 98.32 27.29
CA ILE D 71 51.94 98.70 23.65
CA SER D 72 55.73 98.43 22.95
CA VAL D 73 57.67 99.69 19.86
CA ASP D 74 61.09 98.31 18.61
CA THR D 75 62.33 100.74 15.78
CA SER D 76 65.51 98.61 15.04
CA ARG D 77 63.34 95.39 14.61
CA ASN D 78 60.34 96.86 12.58
CA GLN D 79 58.05 95.34 15.35
CA PHE D 80 55.31 96.66 17.71
CA SER D 81 53.73 94.52 20.52
CA LEU D 82 50.39 94.46 22.44
CA ASN D 83 50.54 93.29 26.11
CA LEU D 84 46.95 92.71 27.50
CA ARG D 85 47.03 91.88 31.30
CA SER D 86 44.50 89.83 33.43
CA MET D 87 42.84 88.01 30.46
CA SER D 88 39.48 86.18 30.80
CA ALA D 89 37.36 83.97 28.41
CA ALA D 90 35.98 87.37 26.96
CA ASP D 91 39.53 88.07 25.46
CA THR D 92 39.29 84.97 23.12
CA ALA D 93 39.48 86.70 19.71
CA MET D 94 41.31 86.94 16.40
CA TYR D 95 43.85 89.81 16.97
CA TYR D 96 44.89 91.68 13.81
CA CYS D 97 47.75 94.11 13.73
CA ALA D 98 46.96 96.89 11.25
CA ARG D 99 48.68 99.70 9.30
CA GLY D 100 48.67 100.24 5.46
CA ASN D 101 51.36 100.14 2.75
CA PRO D 102 50.19 101.94 -0.60
CA PRO D 103 50.28 105.93 -0.69
CA PRO D 104 49.12 107.53 2.74
CA TYR D 105 46.27 105.22 3.99
CA TYR D 106 47.49 103.16 7.03
CA ASP D 107 46.16 103.55 10.44
CA ILE D 108 47.11 106.89 8.76
CA GLY D 109 45.45 109.21 11.37
CA THR D 110 43.61 111.07 8.65
CA GLY D 111 43.69 109.86 4.98
CA SER D 112 40.79 108.65 2.93
CA ASP D 113 37.72 109.38 4.82
CA ASP D 114 40.15 108.14 7.56
CA GLY D 115 40.85 104.45 7.82
CA ILE D 116 42.91 101.26 8.22
CA ASP D 117 44.21 100.28 4.63
CA VAL D 118 46.23 97.07 5.44
CA TRP D 119 45.51 94.42 8.01
CA GLY D 120 47.50 91.30 8.99
CA GLN D 121 46.05 87.76 8.67
CA GLY D 122 44.78 87.61 12.33
CA THR D 123 46.13 85.42 15.20
CA THR D 124 43.46 83.32 17.06
CA VAL D 125 44.22 83.60 20.84
CA HIS D 126 42.10 81.17 22.95
CA VAL D 127 41.84 81.86 26.76
CA SER D 128 41.31 78.57 28.71
CA SER D 129 42.42 76.61 31.79
CA ALA D 130 42.44 73.44 29.47
CA PRO D 131 46.05 72.36 28.29
CA THR D 132 46.92 72.30 24.56
CA LYS D 133 46.86 68.80 22.91
CA ALA D 134 48.55 68.03 19.57
CA PRO D 135 46.28 66.01 17.10
CA ASP D 136 46.46 62.37 16.06
CA VAL D 137 46.50 62.20 12.18
CA PHE D 138 44.61 59.34 10.42
CA PRO D 139 44.79 58.80 6.54
CA ILE D 140 41.49 58.85 4.79
CA ILE D 141 42.22 56.31 2.01
CA SER D 142 40.55 56.79 -1.37
CA GLY D 143 38.67 53.71 -2.94
CA CYS D 144 41.76 51.36 -2.87
CA ARG D 145 39.84 48.23 -4.18
CA HIS D 146 38.63 50.20 -7.27
CA PRO D 147 37.46 53.85 -8.14
CA LYS D 148 33.88 54.42 -9.49
CA ASP D 149 33.69 53.85 -13.38
CA ASN D 150 33.60 57.68 -14.05
CA SER D 151 35.04 59.75 -11.10
CA PRO D 152 38.41 61.13 -9.75
CA VAL D 153 39.04 59.74 -6.22
CA VAL D 154 38.90 61.73 -2.96
CA LEU D 155 41.62 61.12 -0.29
CA ALA D 156 42.05 63.07 3.01
CA CYS D 157 43.68 63.31 6.46
CA LEU D 158 41.47 63.17 9.57
CA ILE D 159 43.11 65.45 12.07
CA THR D 160 41.52 64.49 15.45
CA GLY D 161 41.45 65.47 19.19
CA TYR D 162 43.48 68.75 19.28
CA HIS D 163 43.01 71.90 21.44
CA PRO D 164 42.89 74.89 20.75
CA THR D 165 42.21 76.13 17.17
CA SER D 166 43.86 76.65 14.61
CA VAL D 167 45.61 73.90 12.73
CA THR D 168 47.18 74.53 9.26
CA VAL D 169 46.91 71.57 6.73
CA THR D 170 48.88 71.78 3.39
CA TRP D 171 49.51 68.84 0.94
CA TYR D 172 52.91 67.82 -0.50
CA MET D 173 54.59 70.86 1.35
CA GLY D 174 52.12 73.36 -0.38
CA THR D 175 52.74 71.98 -4.01
CA GLN D 176 49.19 70.38 -4.20
CA SER D 177 46.67 73.30 -4.32
CA GLN D 178 44.38 71.68 -7.08
CA PRO D 179 40.97 70.89 -5.40
CA GLN D 180 42.07 70.83 -1.70
CA ARG D 181 39.14 71.51 0.72
CA THR D 182 39.97 71.85 4.45
CA PHE D 183 36.58 71.78 6.28
CA PRO D 184 35.85 73.83 9.51
CA GLU D 185 36.58 71.83 12.70
CA ILE D 186 33.95 70.35 15.04
CA GLN D 187 34.02 71.19 18.76
CA ARG D 188 33.34 67.63 20.19
CA ARG D 189 31.62 66.94 23.63
CA ASP D 190 35.21 66.07 24.88
CA SER D 191 36.13 69.90 24.37
CA TYR D 192 38.61 68.87 21.54
CA TYR D 193 38.60 69.78 17.83
CA MET D 194 38.42 67.36 14.82
CA THR D 195 38.68 68.50 11.14
CA SER D 196 39.22 66.76 7.74
CA SER D 197 41.28 68.06 4.72
CA GLN D 198 40.25 66.34 1.40
CA LEU D 199 41.80 66.41 -2.13
CA SER D 200 40.04 65.36 -5.39
CA THR D 201 42.81 63.60 -7.48
CA PRO D 202 42.70 61.72 -10.94
CA LEU D 203 42.34 57.87 -10.64
CA GLN D 204 45.63 56.97 -12.54
CA GLN D 205 47.73 59.00 -9.96
CA TRP D 206 46.94 56.83 -6.75
CA ARG D 207 50.02 54.46 -7.40
CA GLN D 208 52.61 56.90 -9.07
CA GLY D 209 51.79 60.23 -7.24
CA GLU D 210 52.40 60.36 -3.45
CA TYR D 211 49.96 62.37 -1.20
CA LYS D 212 51.41 63.66 2.13
CA CYS D 213 49.34 65.85 4.52
CA VAL D 214 51.61 68.18 6.49
CA VAL D 215 49.69 69.17 9.68
CA GLN D 216 50.99 72.13 11.81
CA HIS D 217 49.41 72.64 15.29
CA THR D 218 51.35 75.81 16.56
CA ALA D 219 49.79 75.84 20.16
CA SER D 220 51.25 72.32 21.03
CA LYS D 221 54.40 72.87 18.73
CA SER D 222 53.56 69.59 16.80
CA LYS D 223 54.11 69.03 13.06
CA LYS D 224 52.86 65.63 11.68
CA GLU D 225 53.59 64.45 8.09
CA ILE D 226 51.18 61.56 7.11
CA PHE D 227 48.90 60.40 4.12
CA ARG D 228 45.63 59.13 3.12
CA TRP D 229 46.29 56.48 0.33
CA PRO D 230 44.83 52.88 0.29
CA GLU D 231 47.48 50.45 1.54
CA SER D 232 45.81 47.13 2.65
CA PRO D 233 47.47 43.61 2.43
CA LYS D 234 44.30 41.75 1.11
CA ALA D 235 40.64 43.21 0.80
CA GLN D 236 37.38 41.12 1.80
CA ALA D 237 33.31 41.60 1.55
CA SER D 238 32.47 39.52 4.67
CA SER D 239 34.21 41.56 7.59
CA VAL D 240 30.61 42.88 8.03
CA PRO D 241 29.38 39.54 9.83
CA THR D 242 26.02 37.99 8.65
CA ALA D 243 25.32 35.86 11.83
CA GLN D 244 25.08 37.70 15.19
CA PRO D 245 26.66 35.97 17.38
CA GLN D 246 29.34 34.47 14.99
CA ALA D 247 31.10 31.85 17.36
CA GLU D 248 32.58 29.62 14.57
CA GLY D 249 32.81 32.40 11.77
CA SER D 250 34.85 35.74 10.81
CA LEU D 251 36.84 36.47 7.38
CA ALA D 252 36.74 33.31 5.17
CA LYS D 253 33.46 31.76 3.57
CA ALA D 254 32.84 28.43 1.63
CA THR D 255 30.03 26.01 2.40
CA THR D 256 30.91 22.55 0.50
CA ALA D 257 34.82 23.05 0.38
CA PRO D 258 36.88 19.64 0.82
CA ALA D 259 37.83 18.84 -3.04
CA THR D 260 40.15 21.66 -4.13
CA THR D 261 41.09 23.61 -0.98
CA ARG D 262 39.01 27.10 -1.00
CA ASN D 263 38.61 27.66 2.88
CA THR D 264 42.02 29.57 3.39
CA GLY D 265 43.60 31.32 6.34
CA ARG D 266 40.72 32.09 9.00
CA GLY D 267 37.10 31.22 8.88
CA GLY D 268 34.64 28.38 8.44
CA GLU D 269 31.30 29.39 7.18
CA GLU D 270 30.54 26.17 7.61
CA LYS D 271 32.24 22.92 6.70
CA LYS D 272 30.07 19.99 8.22
CA LYS D 273 26.63 20.54 6.34
CA GLU D 274 24.19 19.52 9.25
CA LYS D 275 20.93 17.49 9.12
CA GLU D 276 22.38 14.19 7.24
CA LYS D 277 23.49 11.53 10.07
CA GLU D 278 19.74 11.97 11.76
CA GLU D 279 17.58 9.31 10.21
CA GLN D 280 17.98 9.74 6.34
CA GLU D 281 20.40 7.38 4.46
CA GLU D 282 21.87 6.07 0.96
CA ARG D 283 19.62 3.92 -1.22
CA GLU D 284 22.78 2.03 -2.80
CA THR D 285 24.65 -0.43 -0.26
CA LYS D 286 23.72 1.17 3.28
CA THR D 287 20.49 -1.10 3.82
CA PRO D 288 17.98 -0.77 0.92
CA GLU D 289 17.41 -3.61 -1.07
CA CYS D 290 19.27 -6.64 -2.52
CA PRO D 291 19.92 -8.11 -6.02
CA SER D 292 18.65 -11.74 -5.76
CA HIS D 293 19.63 -15.11 -7.24
CA THR D 294 17.12 -17.09 -9.35
CA GLN D 295 14.67 -19.71 -8.19
CA PRO D 296 12.14 -21.62 -10.48
CA LEU D 297 10.24 -18.40 -11.25
CA GLY D 298 6.61 -18.34 -10.11
CA VAL D 299 3.39 -18.74 -12.01
CA TYR D 300 0.71 -16.47 -13.44
CA LEU D 301 -2.89 -17.55 -13.85
CA LEU D 302 -5.04 -16.48 -16.81
CA THR D 303 -8.82 -16.60 -16.58
CA PRO D 304 -10.98 -17.59 -19.65
CA ALA D 305 -12.29 -14.78 -21.77
CA VAL D 306 -15.85 -13.41 -21.38
CA GLN D 307 -16.39 -14.17 -25.17
CA ASP D 308 -15.98 -17.92 -24.21
CA LEU D 309 -19.29 -17.36 -22.35
CA TRP D 310 -20.67 -19.00 -25.60
CA LEU D 311 -21.15 -22.78 -25.17
CA ARG D 312 -19.80 -23.27 -28.77
CA ASP D 313 -16.24 -22.13 -27.90
CA LYS D 314 -14.18 -23.86 -25.22
CA ALA D 315 -13.03 -21.65 -22.35
CA THR D 316 -9.58 -22.46 -20.91
CA PHE D 317 -7.63 -21.51 -17.85
CA THR D 318 -3.86 -20.98 -18.69
CA CYS D 319 -1.07 -21.43 -16.05
CA PHE D 320 2.26 -19.89 -17.24
CA VAL D 321 5.36 -21.11 -15.32
CA VAL D 322 8.86 -19.72 -15.97
CA GLY D 323 12.39 -20.43 -14.62
CA SER D 324 11.89 -24.24 -14.63
CA ASP D 325 15.31 -25.90 -14.15
CA LEU D 326 16.25 -28.53 -16.84
CA LYS D 327 16.61 -31.43 -14.28
CA ASP D 328 13.03 -31.11 -12.83
CA ALA D 329 10.55 -30.56 -15.74
CA HIS D 330 7.22 -31.64 -14.01
CA LEU D 331 4.02 -29.61 -12.99
CA THR D 332 0.28 -30.27 -11.76
CA TRP D 333 -3.43 -28.97 -11.58
CA GLU D 334 -6.47 -29.27 -9.22
CA VAL D 335 -10.13 -28.05 -9.92
CA ALA D 336 -11.84 -26.79 -6.70
CA GLY D 337 -10.91 -27.22 -2.98
CA LYS D 338 -12.99 -30.54 -3.06
CA VAL D 339 -10.65 -32.53 -5.39
CA PRO D 340 -7.73 -32.43 -7.86
CA THR D 341 -8.30 -33.27 -11.45
CA GLY D 342 -5.13 -35.27 -12.41
CA GLY D 343 -5.85 -33.50 -15.69
CA VAL D 344 -9.13 -34.17 -17.64
CA GLU D 345 -7.65 -32.24 -20.57
CA GLU D 346 -4.52 -30.50 -19.21
CA GLY D 347 -2.06 -30.06 -22.12
CA LEU D 348 1.31 -28.65 -21.21
CA LEU D 349 4.22 -28.29 -23.66
CA GLU D 350 7.93 -27.97 -22.75
CA ARG D 351 9.58 -24.88 -24.29
CA HIS D 352 13.40 -24.51 -24.27
CA SER D 353 14.13 -20.87 -23.24
CA ASN D 354 17.75 -19.51 -22.74
CA GLY D 355 19.24 -21.95 -20.08
CA SER D 356 15.69 -22.54 -18.65
CA GLN D 357 12.31 -24.23 -19.45
CA SER D 358 9.00 -22.40 -19.93
CA GLN D 359 5.93 -24.61 -19.39
CA HIS D 360 2.46 -23.26 -20.19
CA SER D 361 -0.42 -25.67 -19.30
CA ARG D 362 -3.98 -25.10 -20.58
CA LEU D 363 -6.80 -26.61 -18.50
CA THR D 364 -10.20 -26.84 -20.29
CA LEU D 365 -12.97 -25.21 -18.27
CA PRO D 366 -16.65 -26.46 -18.56
CA ARG D 367 -18.94 -23.31 -18.65
CA SER D 368 -21.14 -24.44 -15.67
CA LEU D 369 -18.11 -24.79 -13.21
CA TRP D 370 -16.77 -21.22 -14.03
CA ASN D 371 -20.37 -19.80 -13.82
CA ALA D 372 -20.88 -21.75 -10.49
CA GLY D 373 -17.76 -19.89 -9.12
CA THR D 374 -15.55 -22.96 -8.46
CA SER D 375 -11.88 -22.20 -7.79
CA VAL D 376 -9.32 -23.38 -10.34
CA THR D 377 -5.92 -24.04 -8.66
CA CYS D 378 -2.65 -24.47 -10.56
CA THR D 379 -0.30 -25.90 -7.94
CA LEU D 380 3.26 -25.19 -9.10
CA ASN D 381 5.21 -28.27 -8.09
CA HIS D 382 8.66 -29.12 -9.34
CA PRO D 383 10.67 -31.78 -7.23
CA SER D 384 13.44 -29.01 -7.34
CA LEU D 385 11.30 -26.39 -5.42
CA PRO D 386 10.50 -27.94 -1.85
CA PRO D 387 7.42 -25.56 -1.24
CA GLN D 388 4.59 -25.64 -3.86
CA ARG D 389 3.43 -22.31 -5.44
CA LEU D 390 -0.41 -22.53 -5.29
CA MET D 391 -2.03 -19.86 -7.40
CA ALA D 392 -5.85 -20.14 -7.53
CA LEU D 393 -8.35 -18.04 -9.52
CA ARG D 394 -12.12 -17.97 -9.95
CA GLU D 395 -14.74 -15.50 -11.17
CA PRO D 396 -15.57 -12.45 -8.84
CA ALA D 397 -17.58 -13.47 -5.71
CA ALA D 398 -20.94 -11.68 -5.22
CA GLN D 399 -24.48 -12.05 -6.54
CA ALA D 400 -22.75 -10.58 -9.62
CA PRO D 401 -25.55 -11.73 -12.20
CA VAL D 402 -27.46 -8.48 -12.80
CA LYS D 403 -28.73 -7.96 -16.39
CA LEU D 404 -27.00 -5.01 -18.03
CA SER D 405 -29.37 -2.44 -19.52
CA LEU D 406 -28.20 -1.74 -23.12
CA ASN D 407 -29.41 1.61 -24.37
CA LEU D 408 -28.12 3.18 -27.57
CA LEU D 409 -27.77 6.96 -27.81
CA ALA D 410 -27.91 8.69 -31.21
CA SER D 411 -25.57 11.65 -31.93
CA SER D 412 -26.97 14.99 -30.57
CA ASP D 413 -27.72 18.03 -32.89
CA PRO D 414 -24.44 20.04 -31.78
CA PRO D 415 -22.35 16.95 -33.12
CA GLU D 416 -24.28 17.33 -36.52
CA ALA D 417 -21.22 19.54 -37.56
CA ALA D 418 -19.19 16.27 -37.21
CA SER D 419 -21.05 12.89 -36.31
CA TRP D 420 -20.66 9.68 -34.09
CA LEU D 421 -22.73 7.01 -32.08
CA LEU D 422 -23.17 5.49 -28.52
CA CYS D 423 -24.24 2.47 -26.39
CA GLU D 424 -24.61 2.87 -22.62
CA VAL D 425 -24.20 -0.36 -20.77
CA SER D 426 -25.39 -0.07 -17.18
CA GLY D 427 -26.28 -1.90 -13.98
CA PHE D 428 -24.42 -5.22 -14.54
CA SER D 429 -22.22 -7.61 -12.63
CA PRO D 430 -19.74 -9.33 -12.87
CA PRO D 431 -17.41 -6.72 -14.71
CA ASN D 432 -16.78 -9.54 -17.31
CA ILE D 433 -18.55 -8.27 -20.44
CA LEU D 434 -18.16 -8.28 -24.26
CA LEU D 435 -19.45 -5.20 -26.10
CA MET D 436 -18.97 -5.50 -29.90
CA TRP D 437 -20.42 -3.39 -32.83
CA LEU D 438 -21.83 -4.43 -36.22
CA GLU D 439 -22.99 -2.18 -39.13
CA ASP D 440 -24.64 -5.30 -40.81
CA GLN D 441 -23.13 -8.82 -41.38
CA ARG D 442 -19.55 -7.57 -40.70
CA GLU D 443 -18.02 -5.92 -37.63
CA VAL D 444 -16.91 -2.33 -37.37
CA ASN D 445 -13.20 -1.69 -36.67
CA THR D 446 -14.01 1.99 -35.68
CA SER D 447 -15.04 1.47 -32.09
CA GLY D 448 -13.83 4.90 -30.71
CA PHE D 449 -15.39 4.22 -27.22
CA ALA D 450 -11.93 3.86 -26.26
CA PRO D 451 -12.37 0.87 -28.41
CA ALA D 452 -14.55 0.09 -25.30
CA ARG D 453 -14.22 2.18 -22.13
CA PRO D 454 -13.13 -0.35 -19.42
CA PRO D 455 -15.97 -0.92 -16.77
CA PRO D 456 -16.07 1.66 -13.85
CA GLN D 457 -17.59 0.77 -10.50
CA PRO D 458 -21.00 2.69 -10.00
CA GLY D 459 -22.76 3.40 -6.68
CA SER D 460 -25.18 0.38 -7.09
CA THR D 461 -22.03 -1.97 -6.67
CA THR D 462 -22.77 -3.00 -10.35
CA PHE D 463 -20.77 -1.88 -13.48
CA TRP D 464 -21.31 0.60 -16.24
CA ALA D 465 -19.31 1.02 -19.48
CA TRP D 466 -19.89 3.39 -22.43
CA SER D 467 -19.48 2.47 -26.01
CA VAL D 468 -18.92 4.92 -28.89
CA LEU D 469 -18.41 3.94 -32.52
CA ARG D 470 -16.74 6.33 -34.78
CA VAL D 471 -18.84 6.50 -37.92
CA PRO D 472 -18.49 9.33 -40.55
CA ALA D 473 -21.51 11.76 -40.71
CA PRO D 474 -22.20 10.65 -44.41
CA PRO D 475 -22.96 6.83 -43.43
CA SER D 476 -25.22 7.99 -40.44
CA PRO D 477 -27.34 9.80 -43.23
CA GLN D 478 -27.95 7.50 -46.27
CA PRO D 479 -29.56 5.56 -43.32
CA ALA D 480 -27.48 2.53 -42.17
CA THR D 481 -28.37 0.47 -39.06
CA TYR D 482 -25.53 0.16 -36.47
CA THR D 483 -25.93 -2.47 -33.72
CA CYS D 484 -24.66 -2.50 -30.08
CA VAL D 485 -24.24 -6.19 -29.25
CA VAL D 486 -23.37 -7.11 -25.62
CA SER D 487 -22.65 -10.66 -24.39
CA HIS D 488 -23.09 -11.08 -20.59
CA GLU D 489 -23.60 -14.03 -18.15
CA ASP D 490 -27.26 -13.26 -17.18
CA SER D 491 -28.50 -12.30 -20.66
CA ARG D 492 -31.59 -14.45 -21.68
CA THR D 493 -29.87 -15.86 -24.87
CA LEU D 494 -26.35 -14.96 -23.34
CA LEU D 495 -26.38 -12.05 -25.81
CA ASN D 496 -28.47 -8.98 -24.93
CA ALA D 497 -30.81 -8.35 -27.89
CA SER D 498 -28.47 -6.06 -29.65
CA ARG D 499 -29.82 -2.54 -29.56
CA SER D 500 -30.03 -1.04 -33.07
CA LEU D 501 -29.44 2.55 -34.15
CA GLU D 502 -30.69 3.91 -37.47
CA VAL D 503 -31.20 7.55 -38.54
CA SER D 504 -33.86 9.85 -40.13
CA TYR D 505 -36.31 8.85 -37.29
CA VAL D 506 -39.08 11.38 -37.28
CA THR D 507 -39.69 12.76 -33.79
CA ASP D 508 -43.34 13.39 -32.81
CA HIS D 509 -43.15 16.80 -31.07
CA GLY D 510 -45.79 19.58 -31.18
CA PRO D 511 -45.21 21.67 -34.47
CA MET D 512 -43.87 25.24 -33.90
#